data_2MIA
#
_entry.id   2MIA
#
_entity_poly.entity_id   1
_entity_poly.type   'polypeptide(L)'
_entity_poly.pdbx_seq_one_letter_code
;CIAHYGKCDGIINQCCDPWLCTPPIIGFCL
;
_entity_poly.pdbx_strand_id   A
#
# COMPACT_ATOMS: atom_id res chain seq x y z
N CYS A 1 -2.79 6.67 -6.70
CA CYS A 1 -2.65 6.34 -5.28
C CYS A 1 -2.26 4.87 -5.11
N ILE A 2 -1.07 4.51 -5.59
CA ILE A 2 -0.59 3.14 -5.48
C ILE A 2 -1.47 2.19 -6.28
N ALA A 3 -0.83 1.36 -7.10
CA ALA A 3 -1.56 0.38 -7.91
C ALA A 3 -2.21 -0.69 -7.04
N HIS A 4 -3.21 -1.36 -7.60
CA HIS A 4 -3.93 -2.40 -6.88
C HIS A 4 -2.96 -3.48 -6.37
N TYR A 5 -2.93 -3.66 -5.06
CA TYR A 5 -2.04 -4.66 -4.45
C TYR A 5 -0.59 -4.40 -4.85
N GLY A 6 -0.26 -3.14 -5.09
CA GLY A 6 1.09 -2.78 -5.46
C GLY A 6 1.89 -2.24 -4.30
N LYS A 7 3.21 -2.44 -4.34
CA LYS A 7 4.10 -1.96 -3.29
C LYS A 7 3.87 -0.48 -3.03
N CYS A 8 4.17 -0.05 -1.81
CA CYS A 8 4.00 1.35 -1.42
C CYS A 8 5.36 1.99 -1.11
N ASP A 9 5.38 3.32 -1.07
CA ASP A 9 6.60 4.06 -0.78
C ASP A 9 7.17 3.65 0.58
N GLY A 10 6.33 3.04 1.41
CA GLY A 10 6.76 2.62 2.73
C GLY A 10 6.04 3.36 3.84
N ILE A 11 6.64 4.45 4.30
CA ILE A 11 6.07 5.25 5.37
C ILE A 11 4.71 5.83 4.95
N ILE A 12 4.45 5.82 3.64
CA ILE A 12 3.19 6.33 3.11
C ILE A 12 2.22 5.21 2.82
N ASN A 13 1.24 5.03 3.70
CA ASN A 13 0.24 3.97 3.53
C ASN A 13 -0.98 4.50 2.79
N GLN A 14 -0.76 5.45 1.89
CA GLN A 14 -1.83 6.04 1.11
C GLN A 14 -2.21 5.13 -0.06
N CYS A 15 -2.82 3.99 0.26
CA CYS A 15 -3.23 3.03 -0.77
C CYS A 15 -4.76 2.99 -0.87
N CYS A 16 -5.28 3.62 -1.92
CA CYS A 16 -6.72 3.65 -2.15
C CYS A 16 -7.33 2.25 -1.99
N ASP A 17 -7.07 1.38 -2.95
CA ASP A 17 -7.59 0.03 -2.92
C ASP A 17 -6.45 -0.99 -2.83
N PRO A 18 -6.79 -2.22 -2.42
CA PRO A 18 -8.16 -2.60 -2.09
C PRO A 18 -8.64 -1.94 -0.79
N TRP A 19 -7.81 -2.03 0.25
CA TRP A 19 -8.16 -1.45 1.54
C TRP A 19 -7.03 -0.55 2.05
N LEU A 20 -6.14 -1.13 2.84
CA LEU A 20 -5.00 -0.39 3.39
C LEU A 20 -3.68 -1.06 3.04
N CYS A 21 -2.59 -0.32 3.16
CA CYS A 21 -1.27 -0.84 2.85
C CYS A 21 -0.60 -1.39 4.11
N THR A 22 -0.56 -2.72 4.21
CA THR A 22 0.04 -3.37 5.37
C THR A 22 0.84 -4.60 4.95
N PRO A 23 2.10 -4.69 5.42
CA PRO A 23 2.68 -3.68 6.30
C PRO A 23 2.95 -2.36 5.57
N PRO A 24 3.31 -1.32 6.34
CA PRO A 24 3.60 0.01 5.79
C PRO A 24 4.90 0.03 4.98
N ILE A 25 5.99 -0.43 5.61
CA ILE A 25 7.28 -0.46 4.95
C ILE A 25 7.56 -1.84 4.35
N ILE A 26 7.73 -1.89 3.03
CA ILE A 26 8.01 -3.13 2.33
C ILE A 26 6.81 -4.08 2.42
N GLY A 27 5.71 -3.69 1.78
CA GLY A 27 4.52 -4.50 1.79
C GLY A 27 3.53 -4.10 0.71
N PHE A 28 2.41 -4.81 0.63
CA PHE A 28 1.38 -4.53 -0.37
C PHE A 28 0.01 -4.42 0.29
N CYS A 29 -0.79 -3.48 -0.19
CA CYS A 29 -2.14 -3.27 0.35
C CYS A 29 -3.08 -4.36 -0.14
N LEU A 30 -3.79 -4.98 0.80
CA LEU A 30 -4.73 -6.05 0.47
C LEU A 30 -6.01 -5.92 1.29
N CYS A 1 -3.11 6.50 -7.15
CA CYS A 1 -3.26 6.11 -5.75
C CYS A 1 -2.77 4.68 -5.53
N ILE A 2 -1.55 4.40 -6.00
CA ILE A 2 -0.96 3.08 -5.85
C ILE A 2 -1.76 2.04 -6.62
N ALA A 3 -1.06 1.23 -7.42
CA ALA A 3 -1.70 0.18 -8.20
C ALA A 3 -2.29 -0.90 -7.31
N HIS A 4 -3.25 -1.65 -7.84
CA HIS A 4 -3.87 -2.72 -7.08
C HIS A 4 -2.83 -3.70 -6.53
N TYR A 5 -2.79 -3.84 -5.21
CA TYR A 5 -1.84 -4.73 -4.56
C TYR A 5 -0.41 -4.39 -4.97
N GLY A 6 -0.15 -3.10 -5.16
CA GLY A 6 1.18 -2.66 -5.55
C GLY A 6 1.98 -2.13 -4.38
N LYS A 7 3.30 -2.29 -4.45
CA LYS A 7 4.19 -1.81 -3.40
C LYS A 7 3.94 -0.34 -3.09
N CYS A 8 4.23 0.07 -1.86
CA CYS A 8 4.06 1.45 -1.44
C CYS A 8 5.40 2.10 -1.11
N ASP A 9 5.38 3.42 -1.00
CA ASP A 9 6.60 4.17 -0.67
C ASP A 9 7.17 3.72 0.66
N GLY A 10 6.36 3.05 1.46
CA GLY A 10 6.80 2.57 2.76
C GLY A 10 6.10 3.28 3.91
N ILE A 11 6.71 4.34 4.40
CA ILE A 11 6.14 5.10 5.51
C ILE A 11 4.78 5.70 5.13
N ILE A 12 4.51 5.74 3.82
CA ILE A 12 3.25 6.28 3.34
C ILE A 12 2.27 5.16 3.00
N ASN A 13 1.30 4.95 3.89
CA ASN A 13 0.29 3.91 3.69
C ASN A 13 -0.94 4.46 2.98
N GLN A 14 -0.71 5.45 2.12
CA GLN A 14 -1.80 6.07 1.38
C GLN A 14 -2.20 5.22 0.17
N CYS A 15 -2.82 4.08 0.45
CA CYS A 15 -3.25 3.17 -0.61
C CYS A 15 -4.77 3.17 -0.74
N CYS A 16 -5.27 3.85 -1.77
CA CYS A 16 -6.72 3.93 -2.00
C CYS A 16 -7.36 2.54 -1.91
N ASP A 17 -6.99 1.67 -2.84
CA ASP A 17 -7.53 0.31 -2.86
C ASP A 17 -6.41 -0.72 -2.82
N PRO A 18 -6.76 -1.97 -2.46
CA PRO A 18 -8.13 -2.34 -2.12
C PRO A 18 -8.59 -1.71 -0.81
N TRP A 19 -7.76 -1.86 0.22
CA TRP A 19 -8.08 -1.31 1.54
C TRP A 19 -6.93 -0.46 2.07
N LEU A 20 -6.04 -1.09 2.84
CA LEU A 20 -4.90 -0.38 3.41
C LEU A 20 -3.59 -1.07 3.02
N CYS A 21 -2.49 -0.34 3.15
CA CYS A 21 -1.17 -0.87 2.81
C CYS A 21 -0.50 -1.49 4.04
N THR A 22 -0.47 -2.81 4.10
CA THR A 22 0.13 -3.51 5.22
C THR A 22 0.92 -4.72 4.75
N PRO A 23 2.18 -4.83 5.20
CA PRO A 23 2.77 -3.85 6.13
C PRO A 23 3.03 -2.51 5.46
N PRO A 24 3.39 -1.50 6.26
CA PRO A 24 3.67 -0.14 5.77
C PRO A 24 4.97 -0.09 4.96
N ILE A 25 6.06 -0.54 5.57
CA ILE A 25 7.36 -0.54 4.91
C ILE A 25 7.64 -1.88 4.23
N ILE A 26 7.80 -1.85 2.91
CA ILE A 26 8.06 -3.07 2.15
C ILE A 26 6.88 -4.02 2.19
N GLY A 27 5.75 -3.58 1.64
CA GLY A 27 4.56 -4.41 1.62
C GLY A 27 3.57 -3.97 0.55
N PHE A 28 2.46 -4.69 0.45
CA PHE A 28 1.43 -4.38 -0.54
C PHE A 28 0.05 -4.31 0.11
N CYS A 29 -0.75 -3.35 -0.32
CA CYS A 29 -2.09 -3.17 0.22
C CYS A 29 -3.04 -4.24 -0.33
N LEU A 30 -3.74 -4.92 0.57
CA LEU A 30 -4.68 -5.96 0.17
C LEU A 30 -5.96 -5.89 1.01
N CYS A 1 -3.17 6.49 -7.16
CA CYS A 1 -3.32 6.10 -5.77
C CYS A 1 -2.81 4.68 -5.55
N ILE A 2 -1.60 4.41 -6.03
CA ILE A 2 -1.00 3.09 -5.88
C ILE A 2 -1.80 2.03 -6.64
N ALA A 3 -1.10 1.24 -7.44
CA ALA A 3 -1.75 0.19 -8.22
C ALA A 3 -2.32 -0.89 -7.31
N HIS A 4 -3.26 -1.67 -7.83
CA HIS A 4 -3.88 -2.75 -7.07
C HIS A 4 -2.84 -3.71 -6.52
N TYR A 5 -2.80 -3.85 -5.21
CA TYR A 5 -1.84 -4.74 -4.56
C TYR A 5 -0.41 -4.38 -4.97
N GLY A 6 -0.16 -3.09 -5.16
CA GLY A 6 1.17 -2.65 -5.54
C GLY A 6 1.97 -2.12 -4.36
N LYS A 7 3.29 -2.28 -4.44
CA LYS A 7 4.17 -1.81 -3.37
C LYS A 7 3.93 -0.33 -3.07
N CYS A 8 4.22 0.07 -1.84
CA CYS A 8 4.03 1.46 -1.42
C CYS A 8 5.38 2.10 -1.08
N ASP A 9 5.37 3.42 -0.96
CA ASP A 9 6.58 4.16 -0.64
C ASP A 9 7.15 3.71 0.71
N GLY A 10 6.33 3.05 1.50
CA GLY A 10 6.76 2.58 2.80
C GLY A 10 6.05 3.27 3.93
N ILE A 11 6.66 4.35 4.43
CA ILE A 11 6.08 5.11 5.53
C ILE A 11 4.73 5.70 5.14
N ILE A 12 4.46 5.74 3.85
CA ILE A 12 3.20 6.27 3.35
C ILE A 12 2.22 5.16 3.01
N ASN A 13 1.24 4.94 3.89
CA ASN A 13 0.24 3.90 3.69
C ASN A 13 -0.98 4.45 2.97
N GLN A 14 -0.75 5.44 2.11
CA GLN A 14 -1.84 6.07 1.35
C GLN A 14 -2.23 5.21 0.15
N CYS A 15 -2.86 4.07 0.43
CA CYS A 15 -3.29 3.16 -0.63
C CYS A 15 -4.80 3.15 -0.76
N CYS A 16 -5.31 3.83 -1.78
CA CYS A 16 -6.75 3.90 -2.02
C CYS A 16 -7.38 2.51 -1.93
N ASP A 17 -7.00 1.64 -2.87
CA ASP A 17 -7.53 0.29 -2.91
C ASP A 17 -6.40 -0.74 -2.87
N PRO A 18 -6.74 -1.99 -2.53
CA PRO A 18 -8.12 -2.37 -2.20
C PRO A 18 -8.59 -1.77 -0.87
N TRP A 19 -7.78 -1.92 0.16
CA TRP A 19 -8.11 -1.39 1.48
C TRP A 19 -6.98 -0.53 2.02
N LEU A 20 -6.08 -1.15 2.80
CA LEU A 20 -4.95 -0.44 3.37
C LEU A 20 -3.62 -1.11 2.99
N CYS A 21 -2.53 -0.38 3.13
CA CYS A 21 -1.22 -0.89 2.80
C CYS A 21 -0.54 -1.50 4.04
N THR A 22 -0.51 -2.83 4.10
CA THR A 22 0.10 -3.53 5.22
C THR A 22 0.90 -4.73 4.75
N PRO A 23 2.15 -4.83 5.23
CA PRO A 23 2.73 -3.86 6.15
C PRO A 23 2.98 -2.51 5.47
N PRO A 24 3.33 -1.50 6.29
CA PRO A 24 3.62 -0.15 5.79
C PRO A 24 4.92 -0.09 5.00
N ILE A 25 6.01 -0.53 5.61
CA ILE A 25 7.32 -0.52 4.96
C ILE A 25 7.59 -1.86 4.28
N ILE A 26 7.75 -1.82 2.95
CA ILE A 26 8.02 -3.03 2.19
C ILE A 26 6.84 -3.98 2.23
N GLY A 27 5.73 -3.58 1.64
CA GLY A 27 4.54 -4.40 1.62
C GLY A 27 3.56 -3.99 0.54
N PHE A 28 2.44 -4.70 0.45
CA PHE A 28 1.42 -4.41 -0.55
C PHE A 28 0.03 -4.34 0.10
N CYS A 29 -0.76 -3.37 -0.33
CA CYS A 29 -2.11 -3.19 0.21
C CYS A 29 -3.06 -4.26 -0.34
N LEU A 30 -3.77 -4.93 0.57
CA LEU A 30 -4.71 -5.96 0.18
C LEU A 30 -6.00 -5.88 1.00
N CYS A 1 -2.87 6.71 -6.76
CA CYS A 1 -2.72 6.36 -5.35
C CYS A 1 -2.34 4.89 -5.19
N ILE A 2 -1.16 4.54 -5.68
CA ILE A 2 -0.68 3.17 -5.58
C ILE A 2 -1.56 2.21 -6.38
N ALA A 3 -0.93 1.39 -7.21
CA ALA A 3 -1.66 0.42 -8.02
C ALA A 3 -2.28 -0.68 -7.15
N HIS A 4 -3.28 -1.36 -7.70
CA HIS A 4 -3.95 -2.44 -6.98
C HIS A 4 -2.94 -3.48 -6.49
N TYR A 5 -2.89 -3.68 -5.18
CA TYR A 5 -1.96 -4.64 -4.60
C TYR A 5 -0.53 -4.34 -5.00
N GLY A 6 -0.23 -3.06 -5.20
CA GLY A 6 1.11 -2.66 -5.60
C GLY A 6 1.92 -2.13 -4.43
N LYS A 7 3.23 -2.31 -4.51
CA LYS A 7 4.13 -1.85 -3.45
C LYS A 7 3.89 -0.38 -3.13
N CYS A 8 4.19 0.02 -1.91
CA CYS A 8 4.01 1.41 -1.48
C CYS A 8 5.34 2.05 -1.15
N ASP A 9 5.35 3.38 -1.09
CA ASP A 9 6.57 4.13 -0.78
C ASP A 9 7.13 3.71 0.58
N GLY A 10 6.30 3.07 1.39
CA GLY A 10 6.73 2.63 2.70
C GLY A 10 6.02 3.37 3.82
N ILE A 11 6.62 4.45 4.29
CA ILE A 11 6.04 5.24 5.36
C ILE A 11 4.68 5.81 4.96
N ILE A 12 4.41 5.81 3.66
CA ILE A 12 3.14 6.33 3.14
C ILE A 12 2.18 5.19 2.82
N ASN A 13 1.21 4.98 3.70
CA ASN A 13 0.22 3.92 3.51
C ASN A 13 -1.00 4.46 2.76
N GLN A 14 -0.77 5.42 1.87
CA GLN A 14 -1.85 6.01 1.09
C GLN A 14 -2.23 5.10 -0.07
N CYS A 15 -2.83 3.96 0.23
CA CYS A 15 -3.25 3.01 -0.80
C CYS A 15 -4.77 2.96 -0.91
N CYS A 16 -5.30 3.58 -1.95
CA CYS A 16 -6.74 3.61 -2.18
C CYS A 16 -7.34 2.22 -2.03
N ASP A 17 -7.06 1.35 -3.00
CA ASP A 17 -7.57 -0.01 -2.98
C ASP A 17 -6.43 -1.02 -2.90
N PRO A 18 -6.76 -2.26 -2.51
CA PRO A 18 -8.13 -2.65 -2.16
C PRO A 18 -8.61 -1.99 -0.87
N TRP A 19 -7.80 -2.10 0.17
CA TRP A 19 -8.13 -1.52 1.47
C TRP A 19 -7.00 -0.64 1.98
N LEU A 20 -6.11 -1.21 2.77
CA LEU A 20 -4.97 -0.48 3.33
C LEU A 20 -3.66 -1.14 2.96
N CYS A 21 -2.57 -0.40 3.08
CA CYS A 21 -1.24 -0.91 2.77
C CYS A 21 -0.57 -1.47 4.01
N THR A 22 -0.53 -2.80 4.10
CA THR A 22 0.09 -3.46 5.25
C THR A 22 0.91 -4.68 4.80
N PRO A 23 2.16 -4.75 5.29
CA PRO A 23 2.72 -3.74 6.18
C PRO A 23 2.98 -2.42 5.49
N PRO A 24 3.32 -1.38 6.27
CA PRO A 24 3.59 -0.04 5.75
C PRO A 24 4.89 0.02 4.95
N ILE A 25 5.98 -0.42 5.57
CA ILE A 25 7.28 -0.41 4.92
C ILE A 25 7.58 -1.77 4.28
N ILE A 26 7.74 -1.78 2.96
CA ILE A 26 8.03 -3.00 2.23
C ILE A 26 6.85 -3.96 2.29
N GLY A 27 5.75 -3.58 1.66
CA GLY A 27 4.57 -4.43 1.66
C GLY A 27 3.58 -4.03 0.58
N PHE A 28 2.48 -4.76 0.49
CA PHE A 28 1.44 -4.48 -0.50
C PHE A 28 0.06 -4.42 0.15
N CYS A 29 -0.76 -3.47 -0.30
CA CYS A 29 -2.10 -3.30 0.23
C CYS A 29 -3.03 -4.41 -0.29
N LEU A 30 -3.72 -5.06 0.64
CA LEU A 30 -4.64 -6.14 0.28
C LEU A 30 -5.93 -6.05 1.10
N CYS A 1 -2.88 6.67 -6.75
CA CYS A 1 -2.71 6.34 -5.34
C CYS A 1 -2.31 4.88 -5.17
N ILE A 2 -1.12 4.53 -5.64
CA ILE A 2 -0.62 3.17 -5.54
C ILE A 2 -1.48 2.21 -6.35
N ALA A 3 -0.82 1.39 -7.17
CA ALA A 3 -1.53 0.42 -7.99
C ALA A 3 -2.17 -0.67 -7.15
N HIS A 4 -3.15 -1.37 -7.72
CA HIS A 4 -3.84 -2.43 -7.02
C HIS A 4 -2.86 -3.49 -6.52
N TYR A 5 -2.82 -3.70 -5.22
CA TYR A 5 -1.92 -4.67 -4.61
C TYR A 5 -0.47 -4.38 -5.00
N GLY A 6 -0.17 -3.11 -5.21
CA GLY A 6 1.18 -2.73 -5.59
C GLY A 6 1.97 -2.19 -4.42
N LYS A 7 3.29 -2.36 -4.46
CA LYS A 7 4.17 -1.89 -3.39
C LYS A 7 3.92 -0.41 -3.11
N CYS A 8 4.21 0.01 -1.88
CA CYS A 8 4.01 1.39 -1.47
C CYS A 8 5.35 2.05 -1.16
N ASP A 9 5.34 3.37 -1.08
CA ASP A 9 6.55 4.13 -0.77
C ASP A 9 7.13 3.71 0.58
N GLY A 10 6.30 3.07 1.40
CA GLY A 10 6.76 2.62 2.70
C GLY A 10 6.04 3.34 3.83
N ILE A 11 6.63 4.43 4.31
CA ILE A 11 6.04 5.20 5.39
C ILE A 11 4.69 5.77 4.99
N ILE A 12 4.42 5.78 3.70
CA ILE A 12 3.14 6.30 3.18
C ILE A 12 2.19 5.16 2.85
N ASN A 13 1.21 4.94 3.73
CA ASN A 13 0.22 3.88 3.54
C ASN A 13 -1.00 4.42 2.81
N GLN A 14 -0.78 5.39 1.94
CA GLN A 14 -1.87 5.98 1.16
C GLN A 14 -2.24 5.09 -0.03
N CYS A 15 -2.84 3.95 0.26
CA CYS A 15 -3.24 3.01 -0.79
C CYS A 15 -4.75 2.96 -0.90
N CYS A 16 -5.29 3.60 -1.94
CA CYS A 16 -6.72 3.63 -2.17
C CYS A 16 -7.32 2.22 -2.02
N ASP A 17 -7.07 1.37 -3.00
CA ASP A 17 -7.59 0.01 -2.98
C ASP A 17 -6.45 -1.00 -2.91
N PRO A 18 -6.78 -2.24 -2.51
CA PRO A 18 -8.16 -2.63 -2.17
C PRO A 18 -8.62 -1.98 -0.87
N TRP A 19 -7.81 -2.09 0.17
CA TRP A 19 -8.14 -1.52 1.47
C TRP A 19 -7.01 -0.64 1.99
N LEU A 20 -6.12 -1.24 2.78
CA LEU A 20 -4.99 -0.50 3.34
C LEU A 20 -3.66 -1.16 2.95
N CYS A 21 -2.58 -0.41 3.09
CA CYS A 21 -1.25 -0.92 2.75
C CYS A 21 -0.56 -1.50 3.98
N THR A 22 -0.52 -2.83 4.07
CA THR A 22 0.12 -3.50 5.20
C THR A 22 0.92 -4.70 4.74
N PRO A 23 2.18 -4.79 5.21
CA PRO A 23 2.76 -3.80 6.11
C PRO A 23 3.00 -2.46 5.43
N PRO A 24 3.35 -1.44 6.22
CA PRO A 24 3.62 -0.10 5.72
C PRO A 24 4.92 -0.03 4.91
N ILE A 25 6.01 -0.48 5.53
CA ILE A 25 7.31 -0.48 4.86
C ILE A 25 7.60 -1.83 4.22
N ILE A 26 7.76 -1.83 2.90
CA ILE A 26 8.05 -3.06 2.16
C ILE A 26 6.86 -4.02 2.22
N GLY A 27 5.74 -3.59 1.65
CA GLY A 27 4.55 -4.44 1.64
C GLY A 27 3.57 -4.03 0.57
N PHE A 28 2.46 -4.76 0.47
CA PHE A 28 1.43 -4.48 -0.52
C PHE A 28 0.06 -4.42 0.12
N CYS A 29 -0.76 -3.48 -0.33
CA CYS A 29 -2.11 -3.31 0.20
C CYS A 29 -3.04 -4.41 -0.31
N LEU A 30 -3.73 -5.07 0.61
CA LEU A 30 -4.65 -6.14 0.24
C LEU A 30 -5.93 -6.06 1.06
N CYS A 1 -2.93 6.73 -6.95
CA CYS A 1 -2.76 6.40 -5.55
C CYS A 1 -2.41 4.92 -5.39
N ILE A 2 -1.25 4.53 -5.90
CA ILE A 2 -0.79 3.15 -5.81
C ILE A 2 -1.71 2.22 -6.60
N ALA A 3 -1.12 1.37 -7.43
CA ALA A 3 -1.89 0.43 -8.24
C ALA A 3 -2.47 -0.69 -7.38
N HIS A 4 -3.50 -1.35 -7.89
CA HIS A 4 -4.15 -2.44 -7.17
C HIS A 4 -3.12 -3.46 -6.70
N TYR A 5 -3.06 -3.66 -5.37
CA TYR A 5 -2.12 -4.62 -4.80
C TYR A 5 -0.69 -4.30 -5.24
N GLY A 6 -0.40 -3.02 -5.41
CA GLY A 6 0.93 -2.62 -5.82
C GLY A 6 1.78 -2.13 -4.66
N LYS A 7 3.09 -2.31 -4.78
CA LYS A 7 4.02 -1.89 -3.73
C LYS A 7 3.78 -0.43 -3.35
N CYS A 8 4.09 -0.09 -2.11
CA CYS A 8 3.91 1.27 -1.62
C CYS A 8 5.25 1.89 -1.24
N ASP A 9 5.27 3.22 -1.11
CA ASP A 9 6.49 3.93 -0.74
C ASP A 9 7.00 3.46 0.61
N GLY A 10 6.15 2.78 1.37
CA GLY A 10 6.53 2.29 2.68
C GLY A 10 5.88 3.06 3.80
N ILE A 11 6.56 4.11 4.27
CA ILE A 11 6.04 4.94 5.35
C ILE A 11 4.69 5.54 4.99
N ILE A 12 4.40 5.58 3.69
CA ILE A 12 3.13 6.12 3.21
C ILE A 12 2.13 5.02 2.92
N ASN A 13 1.16 4.85 3.81
CA ASN A 13 0.14 3.82 3.65
C ASN A 13 -1.06 4.37 2.88
N GLN A 14 -0.80 5.31 1.98
CA GLN A 14 -1.84 5.91 1.16
C GLN A 14 -2.20 5.02 -0.02
N CYS A 15 -2.83 3.88 0.25
CA CYS A 15 -3.22 2.94 -0.79
C CYS A 15 -4.73 2.91 -0.95
N CYS A 16 -5.21 3.55 -2.02
CA CYS A 16 -6.64 3.59 -2.29
C CYS A 16 -7.27 2.21 -2.15
N ASP A 17 -6.93 1.31 -3.06
CA ASP A 17 -7.46 -0.05 -3.04
C ASP A 17 -6.33 -1.07 -2.94
N PRO A 18 -6.68 -2.29 -2.50
CA PRO A 18 -8.06 -2.65 -2.14
C PRO A 18 -8.53 -1.96 -0.87
N TRP A 19 -7.70 -2.04 0.17
CA TRP A 19 -8.03 -1.42 1.45
C TRP A 19 -6.89 -0.55 1.94
N LEU A 20 -6.01 -1.13 2.75
CA LEU A 20 -4.86 -0.41 3.29
C LEU A 20 -3.56 -1.11 2.95
N CYS A 21 -2.45 -0.39 3.06
CA CYS A 21 -1.14 -0.95 2.76
C CYS A 21 -0.48 -1.49 4.03
N THR A 22 -0.47 -2.82 4.15
CA THR A 22 0.12 -3.46 5.32
C THR A 22 0.91 -4.70 4.90
N PRO A 23 2.14 -4.83 5.43
CA PRO A 23 2.71 -3.83 6.34
C PRO A 23 3.03 -2.52 5.64
N PRO A 24 3.39 -1.49 6.43
CA PRO A 24 3.72 -0.17 5.89
C PRO A 24 5.05 -0.17 5.14
N ILE A 25 6.13 0.03 5.88
CA ILE A 25 7.46 0.06 5.28
C ILE A 25 7.73 -1.22 4.48
N ILE A 26 7.70 -1.09 3.16
CA ILE A 26 7.94 -2.24 2.29
C ILE A 26 6.83 -3.28 2.43
N GLY A 27 5.74 -3.08 1.71
CA GLY A 27 4.63 -4.02 1.77
C GLY A 27 3.62 -3.80 0.66
N PHE A 28 2.57 -4.60 0.65
CA PHE A 28 1.52 -4.49 -0.37
C PHE A 28 0.14 -4.42 0.28
N CYS A 29 -0.70 -3.52 -0.24
CA CYS A 29 -2.05 -3.35 0.27
C CYS A 29 -2.97 -4.45 -0.23
N LEU A 30 -3.68 -5.09 0.70
CA LEU A 30 -4.60 -6.17 0.34
C LEU A 30 -5.89 -6.07 1.15
N CYS A 1 -3.12 6.45 -7.23
CA CYS A 1 -3.26 6.08 -5.82
C CYS A 1 -2.79 4.64 -5.60
N ILE A 2 -1.60 4.33 -6.09
CA ILE A 2 -1.04 2.99 -5.95
C ILE A 2 -1.88 1.96 -6.68
N ALA A 3 -1.23 1.12 -7.49
CA ALA A 3 -1.92 0.09 -8.24
C ALA A 3 -2.48 -0.98 -7.32
N HIS A 4 -3.48 -1.72 -7.80
CA HIS A 4 -4.10 -2.77 -7.01
C HIS A 4 -3.05 -3.75 -6.48
N TYR A 5 -2.99 -3.87 -5.15
CA TYR A 5 -2.03 -4.76 -4.51
C TYR A 5 -0.60 -4.44 -4.97
N GLY A 6 -0.34 -3.16 -5.19
CA GLY A 6 0.98 -2.74 -5.63
C GLY A 6 1.84 -2.22 -4.48
N LYS A 7 3.15 -2.41 -4.60
CA LYS A 7 4.08 -1.96 -3.57
C LYS A 7 3.84 -0.50 -3.21
N CYS A 8 4.16 -0.13 -1.98
CA CYS A 8 3.98 1.25 -1.51
C CYS A 8 5.32 1.88 -1.16
N ASP A 9 5.32 3.20 -1.01
CA ASP A 9 6.53 3.93 -0.66
C ASP A 9 7.09 3.46 0.68
N GLY A 10 6.26 2.76 1.44
CA GLY A 10 6.68 2.26 2.73
C GLY A 10 6.07 3.04 3.89
N ILE A 11 6.76 4.08 4.33
CA ILE A 11 6.28 4.91 5.43
C ILE A 11 4.93 5.52 5.10
N ILE A 12 4.61 5.59 3.82
CA ILE A 12 3.34 6.15 3.36
C ILE A 12 2.32 5.05 3.06
N ASN A 13 1.39 4.85 3.98
CA ASN A 13 0.36 3.83 3.81
C ASN A 13 -0.87 4.40 3.10
N GLN A 14 -0.63 5.38 2.23
CA GLN A 14 -1.72 6.01 1.49
C GLN A 14 -2.11 5.17 0.28
N CYS A 15 -2.72 4.02 0.53
CA CYS A 15 -3.14 3.13 -0.55
C CYS A 15 -4.66 3.13 -0.69
N CYS A 16 -5.15 3.81 -1.72
CA CYS A 16 -6.59 3.90 -1.97
C CYS A 16 -7.24 2.53 -1.88
N ASP A 17 -6.91 1.66 -2.83
CA ASP A 17 -7.47 0.31 -2.86
C ASP A 17 -6.36 -0.74 -2.80
N PRO A 18 -6.71 -1.97 -2.39
CA PRO A 18 -8.10 -2.31 -2.05
C PRO A 18 -8.55 -1.66 -0.74
N TRP A 19 -7.71 -1.78 0.28
CA TRP A 19 -8.02 -1.20 1.58
C TRP A 19 -6.87 -0.35 2.09
N LEU A 20 -5.98 -0.96 2.87
CA LEU A 20 -4.83 -0.26 3.42
C LEU A 20 -3.54 -0.99 3.07
N CYS A 21 -2.42 -0.28 3.18
CA CYS A 21 -1.10 -0.86 2.89
C CYS A 21 -0.47 -1.45 4.14
N THR A 22 -0.49 -2.77 4.24
CA THR A 22 0.09 -3.45 5.40
C THR A 22 0.85 -4.70 4.97
N PRO A 23 2.09 -4.85 5.48
CA PRO A 23 2.68 -3.87 6.40
C PRO A 23 3.02 -2.56 5.71
N PRO A 24 3.39 -1.55 6.50
CA PRO A 24 3.75 -0.22 5.98
C PRO A 24 5.07 -0.24 5.22
N ILE A 25 6.17 -0.05 5.94
CA ILE A 25 7.49 -0.05 5.33
C ILE A 25 7.73 -1.32 4.54
N ILE A 26 7.71 -1.21 3.21
CA ILE A 26 7.94 -2.35 2.34
C ILE A 26 6.81 -3.37 2.47
N GLY A 27 5.73 -3.14 1.73
CA GLY A 27 4.60 -4.05 1.79
C GLY A 27 3.59 -3.78 0.68
N PHE A 28 2.51 -4.56 0.67
CA PHE A 28 1.47 -4.41 -0.34
C PHE A 28 0.09 -4.30 0.31
N CYS A 29 -0.72 -3.38 -0.19
CA CYS A 29 -2.07 -3.18 0.35
C CYS A 29 -3.03 -4.25 -0.19
N LEU A 30 -3.75 -4.88 0.74
CA LEU A 30 -4.70 -5.92 0.36
C LEU A 30 -5.98 -5.81 1.18
N CYS A 1 -3.03 6.49 -7.21
CA CYS A 1 -3.17 6.09 -5.81
C CYS A 1 -2.72 4.64 -5.61
N ILE A 2 -1.52 4.33 -6.10
CA ILE A 2 -0.97 2.99 -5.97
C ILE A 2 -1.82 1.98 -6.72
N ALA A 3 -1.16 1.16 -7.54
CA ALA A 3 -1.86 0.13 -8.31
C ALA A 3 -2.41 -0.97 -7.42
N HIS A 4 -3.40 -1.69 -7.91
CA HIS A 4 -4.02 -2.77 -7.15
C HIS A 4 -2.96 -3.73 -6.63
N TYR A 5 -2.89 -3.89 -5.31
CA TYR A 5 -1.92 -4.78 -4.69
C TYR A 5 -0.50 -4.43 -5.12
N GLY A 6 -0.25 -3.14 -5.31
CA GLY A 6 1.07 -2.70 -5.72
C GLY A 6 1.91 -2.20 -4.56
N LYS A 7 3.22 -2.34 -4.67
CA LYS A 7 4.13 -1.90 -3.62
C LYS A 7 3.87 -0.45 -3.26
N CYS A 8 4.18 -0.09 -2.01
CA CYS A 8 3.98 1.27 -1.53
C CYS A 8 5.32 1.91 -1.16
N ASP A 9 5.30 3.24 -1.00
CA ASP A 9 6.50 3.97 -0.65
C ASP A 9 7.05 3.49 0.69
N GLY A 10 6.23 2.78 1.45
CA GLY A 10 6.66 2.28 2.74
C GLY A 10 6.04 3.03 3.89
N ILE A 11 6.72 4.08 4.36
CA ILE A 11 6.21 4.89 5.46
C ILE A 11 4.86 5.49 5.13
N ILE A 12 4.55 5.56 3.84
CA ILE A 12 3.28 6.12 3.39
C ILE A 12 2.27 5.02 3.06
N ASN A 13 1.33 4.81 3.96
CA ASN A 13 0.30 3.78 3.77
C ASN A 13 -0.92 4.36 3.06
N GLN A 14 -0.68 5.35 2.21
CA GLN A 14 -1.76 5.98 1.46
C GLN A 14 -2.14 5.16 0.24
N CYS A 15 -2.76 4.02 0.48
CA CYS A 15 -3.18 3.12 -0.61
C CYS A 15 -4.69 3.13 -0.76
N CYS A 16 -5.18 3.83 -1.79
CA CYS A 16 -6.61 3.92 -2.06
C CYS A 16 -7.26 2.54 -1.99
N ASP A 17 -6.89 1.67 -2.92
CA ASP A 17 -7.43 0.31 -2.96
C ASP A 17 -6.32 -0.72 -2.92
N PRO A 18 -6.68 -1.97 -2.57
CA PRO A 18 -8.06 -2.33 -2.24
C PRO A 18 -8.53 -1.72 -0.93
N TRP A 19 -7.71 -1.87 0.11
CA TRP A 19 -8.05 -1.33 1.42
C TRP A 19 -6.90 -0.47 1.97
N LEU A 20 -6.01 -1.10 2.74
CA LEU A 20 -4.87 -0.40 3.31
C LEU A 20 -3.56 -1.10 2.95
N CYS A 21 -2.45 -0.38 3.09
CA CYS A 21 -1.14 -0.93 2.79
C CYS A 21 -0.50 -1.54 4.03
N THR A 22 -0.49 -2.86 4.11
CA THR A 22 0.08 -3.57 5.24
C THR A 22 0.88 -4.79 4.79
N PRO A 23 2.10 -4.92 5.30
CA PRO A 23 2.68 -3.96 6.25
C PRO A 23 2.99 -2.61 5.60
N PRO A 24 3.35 -1.62 6.42
CA PRO A 24 3.67 -0.27 5.94
C PRO A 24 4.99 -0.24 5.18
N ILE A 25 6.09 -0.15 5.92
CA ILE A 25 7.42 -0.10 5.32
C ILE A 25 7.70 -1.36 4.51
N ILE A 26 7.68 -1.24 3.19
CA ILE A 26 7.92 -2.37 2.31
C ILE A 26 6.80 -3.40 2.40
N GLY A 27 5.74 -3.18 1.63
CA GLY A 27 4.61 -4.10 1.65
C GLY A 27 3.61 -3.80 0.54
N PHE A 28 2.54 -4.58 0.50
CA PHE A 28 1.50 -4.39 -0.52
C PHE A 28 0.12 -4.32 0.13
N CYS A 29 -0.69 -3.38 -0.35
CA CYS A 29 -2.04 -3.20 0.18
C CYS A 29 -2.99 -4.26 -0.38
N LEU A 30 -3.72 -4.93 0.52
CA LEU A 30 -4.66 -5.97 0.12
C LEU A 30 -5.94 -5.88 0.93
N CYS A 1 -3.06 6.42 -7.15
CA CYS A 1 -3.19 6.03 -5.76
C CYS A 1 -2.74 4.60 -5.55
N ILE A 2 -1.55 4.27 -6.05
CA ILE A 2 -1.01 2.93 -5.91
C ILE A 2 -1.86 1.91 -6.65
N ALA A 3 -1.22 1.08 -7.46
CA ALA A 3 -1.92 0.06 -8.23
C ALA A 3 -2.47 -1.03 -7.30
N HIS A 4 -3.48 -1.75 -7.79
CA HIS A 4 -4.10 -2.83 -7.00
C HIS A 4 -3.05 -3.80 -6.49
N TYR A 5 -2.97 -3.94 -5.17
CA TYR A 5 -2.01 -4.84 -4.55
C TYR A 5 -0.58 -4.51 -5.00
N GLY A 6 -0.32 -3.22 -5.19
CA GLY A 6 1.00 -2.80 -5.63
C GLY A 6 1.84 -2.28 -4.47
N LYS A 7 3.15 -2.43 -4.59
CA LYS A 7 4.07 -1.98 -3.55
C LYS A 7 3.81 -0.51 -3.19
N CYS A 8 4.13 -0.15 -1.96
CA CYS A 8 3.94 1.21 -1.49
C CYS A 8 5.28 1.87 -1.13
N ASP A 9 5.25 3.19 -0.98
CA ASP A 9 6.46 3.93 -0.65
C ASP A 9 7.03 3.47 0.70
N GLY A 10 6.21 2.76 1.47
CA GLY A 10 6.65 2.26 2.76
C GLY A 10 6.05 3.04 3.91
N ILE A 11 6.76 4.08 4.34
CA ILE A 11 6.28 4.91 5.45
C ILE A 11 4.93 5.53 5.13
N ILE A 12 4.59 5.59 3.84
CA ILE A 12 3.33 6.15 3.40
C ILE A 12 2.31 5.06 3.09
N ASN A 13 1.37 4.85 4.00
CA ASN A 13 0.34 3.83 3.82
C ASN A 13 -0.88 4.41 3.09
N GLN A 14 -0.63 5.39 2.23
CA GLN A 14 -1.70 6.04 1.48
C GLN A 14 -2.09 5.20 0.27
N CYS A 15 -2.71 4.05 0.52
CA CYS A 15 -3.13 3.16 -0.56
C CYS A 15 -4.66 3.15 -0.69
N CYS A 16 -5.16 3.84 -1.71
CA CYS A 16 -6.59 3.91 -1.95
C CYS A 16 -7.24 2.52 -1.86
N ASP A 17 -6.95 1.68 -2.85
CA ASP A 17 -7.49 0.33 -2.90
C ASP A 17 -6.37 -0.70 -2.83
N PRO A 18 -6.73 -1.94 -2.46
CA PRO A 18 -8.11 -2.31 -2.13
C PRO A 18 -8.58 -1.67 -0.82
N TRP A 19 -7.75 -1.79 0.21
CA TRP A 19 -8.09 -1.24 1.53
C TRP A 19 -6.94 -0.40 2.06
N LEU A 20 -6.07 -1.02 2.84
CA LEU A 20 -4.92 -0.33 3.42
C LEU A 20 -3.62 -1.03 3.04
N CYS A 21 -2.50 -0.32 3.19
CA CYS A 21 -1.19 -0.87 2.87
C CYS A 21 -0.54 -1.47 4.11
N THR A 22 -0.55 -2.80 4.19
CA THR A 22 0.05 -3.50 5.32
C THR A 22 0.82 -4.73 4.86
N PRO A 23 2.05 -4.88 5.38
CA PRO A 23 2.64 -3.92 6.32
C PRO A 23 2.97 -2.58 5.66
N PRO A 24 3.33 -1.60 6.48
CA PRO A 24 3.68 -0.26 6.00
C PRO A 24 4.99 -0.24 5.23
N ILE A 25 6.10 -0.12 5.96
CA ILE A 25 7.42 -0.09 5.34
C ILE A 25 7.68 -1.36 4.54
N ILE A 26 7.66 -1.24 3.22
CA ILE A 26 7.90 -2.37 2.34
C ILE A 26 6.77 -3.40 2.45
N GLY A 27 5.70 -3.16 1.71
CA GLY A 27 4.57 -4.08 1.73
C GLY A 27 3.57 -3.79 0.64
N PHE A 28 2.48 -4.56 0.61
CA PHE A 28 1.44 -4.38 -0.40
C PHE A 28 0.06 -4.30 0.24
N CYS A 29 -0.75 -3.37 -0.24
CA CYS A 29 -2.10 -3.18 0.29
C CYS A 29 -3.05 -4.24 -0.26
N LEU A 30 -3.77 -4.89 0.65
CA LEU A 30 -4.72 -5.94 0.26
C LEU A 30 -6.00 -5.83 1.07
N CYS A 1 -3.06 6.48 -7.19
CA CYS A 1 -3.20 6.09 -5.79
C CYS A 1 -2.74 4.65 -5.58
N ILE A 2 -1.54 4.35 -6.09
CA ILE A 2 -0.99 3.00 -5.95
C ILE A 2 -1.83 1.97 -6.70
N ALA A 3 -1.17 1.16 -7.51
CA ALA A 3 -1.87 0.13 -8.29
C ALA A 3 -2.43 -0.95 -7.38
N HIS A 4 -3.40 -1.70 -7.88
CA HIS A 4 -4.03 -2.77 -7.11
C HIS A 4 -2.98 -3.75 -6.60
N TYR A 5 -2.91 -3.91 -5.28
CA TYR A 5 -1.96 -4.81 -4.67
C TYR A 5 -0.53 -4.48 -5.09
N GLY A 6 -0.26 -3.19 -5.27
CA GLY A 6 1.06 -2.75 -5.69
C GLY A 6 1.90 -2.25 -4.52
N LYS A 7 3.21 -2.36 -4.64
CA LYS A 7 4.12 -1.91 -3.60
C LYS A 7 3.85 -0.46 -3.24
N CYS A 8 4.16 -0.10 -1.99
CA CYS A 8 3.96 1.26 -1.52
C CYS A 8 5.28 1.92 -1.15
N ASP A 9 5.26 3.24 -0.99
CA ASP A 9 6.46 3.99 -0.64
C ASP A 9 7.02 3.52 0.69
N GLY A 10 6.21 2.80 1.45
CA GLY A 10 6.63 2.31 2.75
C GLY A 10 6.02 3.07 3.90
N ILE A 11 6.71 4.11 4.36
CA ILE A 11 6.21 4.93 5.46
C ILE A 11 4.86 5.55 5.13
N ILE A 12 4.53 5.60 3.84
CA ILE A 12 3.27 6.17 3.40
C ILE A 12 2.26 5.06 3.06
N ASN A 13 1.32 4.85 3.97
CA ASN A 13 0.29 3.82 3.78
C ASN A 13 -0.92 4.41 3.06
N GLN A 14 -0.69 5.40 2.21
CA GLN A 14 -1.77 6.04 1.47
C GLN A 14 -2.14 5.20 0.25
N CYS A 15 -2.76 4.06 0.48
CA CYS A 15 -3.17 3.17 -0.60
C CYS A 15 -4.69 3.16 -0.74
N CYS A 16 -5.19 3.85 -1.77
CA CYS A 16 -6.63 3.92 -2.01
C CYS A 16 -7.25 2.53 -1.94
N ASP A 17 -6.92 1.69 -2.92
CA ASP A 17 -7.46 0.34 -2.98
C ASP A 17 -6.34 -0.69 -2.93
N PRO A 18 -6.69 -1.94 -2.60
CA PRO A 18 -8.07 -2.31 -2.28
C PRO A 18 -8.55 -1.72 -0.96
N TRP A 19 -7.74 -1.86 0.08
CA TRP A 19 -8.08 -1.34 1.40
C TRP A 19 -6.95 -0.48 1.95
N LEU A 20 -6.06 -1.11 2.72
CA LEU A 20 -4.92 -0.40 3.31
C LEU A 20 -3.61 -1.08 2.95
N CYS A 21 -2.51 -0.36 3.10
CA CYS A 21 -1.19 -0.89 2.80
C CYS A 21 -0.56 -1.50 4.05
N THR A 22 -0.54 -2.83 4.12
CA THR A 22 0.04 -3.53 5.25
C THR A 22 0.82 -4.76 4.80
N PRO A 23 2.05 -4.90 5.32
CA PRO A 23 2.62 -3.94 6.26
C PRO A 23 2.95 -2.61 5.60
N PRO A 24 3.31 -1.60 6.43
CA PRO A 24 3.65 -0.26 5.96
C PRO A 24 4.97 -0.24 5.19
N ILE A 25 6.07 -0.11 5.92
CA ILE A 25 7.39 -0.06 5.32
C ILE A 25 7.67 -1.34 4.53
N ILE A 26 7.66 -1.21 3.19
CA ILE A 26 7.90 -2.35 2.32
C ILE A 26 6.78 -3.38 2.42
N GLY A 27 5.72 -3.16 1.64
CA GLY A 27 4.59 -4.08 1.66
C GLY A 27 3.59 -3.77 0.56
N PHE A 28 2.51 -4.54 0.51
CA PHE A 28 1.48 -4.36 -0.50
C PHE A 28 0.10 -4.29 0.14
N CYS A 29 -0.72 -3.35 -0.33
CA CYS A 29 -2.07 -3.17 0.19
C CYS A 29 -3.01 -4.23 -0.36
N LEU A 30 -3.74 -4.89 0.52
CA LEU A 30 -4.68 -5.93 0.13
C LEU A 30 -5.99 -5.83 0.93
N CYS A 1 -3.06 6.51 -7.13
CA CYS A 1 -3.20 6.10 -5.73
C CYS A 1 -2.74 4.66 -5.53
N ILE A 2 -1.55 4.36 -6.04
CA ILE A 2 -0.99 3.01 -5.92
C ILE A 2 -1.84 1.99 -6.66
N ALA A 3 -1.19 1.18 -7.49
CA ALA A 3 -1.88 0.16 -8.27
C ALA A 3 -2.43 -0.93 -7.36
N HIS A 4 -3.44 -1.66 -7.85
CA HIS A 4 -4.05 -2.73 -7.07
C HIS A 4 -3.00 -3.71 -6.57
N TYR A 5 -2.92 -3.87 -5.25
CA TYR A 5 -1.95 -4.77 -4.65
C TYR A 5 -0.53 -4.43 -5.10
N GLY A 6 -0.27 -3.14 -5.28
CA GLY A 6 1.05 -2.70 -5.69
C GLY A 6 1.89 -2.20 -4.53
N LYS A 7 3.20 -2.34 -4.65
CA LYS A 7 4.12 -1.91 -3.61
C LYS A 7 3.86 -0.45 -3.23
N CYS A 8 4.18 -0.10 -1.99
CA CYS A 8 3.98 1.26 -1.51
C CYS A 8 5.31 1.92 -1.15
N ASP A 9 5.30 3.23 -1.00
CA ASP A 9 6.51 3.97 -0.65
C ASP A 9 7.09 3.49 0.68
N GLY A 10 6.26 2.79 1.45
CA GLY A 10 6.70 2.29 2.73
C GLY A 10 6.08 3.02 3.90
N ILE A 11 6.76 4.07 4.36
CA ILE A 11 6.27 4.87 5.47
C ILE A 11 4.91 5.49 5.15
N ILE A 12 4.59 5.56 3.86
CA ILE A 12 3.32 6.12 3.42
C ILE A 12 2.32 5.03 3.09
N ASN A 13 1.36 4.81 3.99
CA ASN A 13 0.34 3.79 3.81
C ASN A 13 -0.87 4.37 3.10
N GLN A 14 -0.64 5.36 2.25
CA GLN A 14 -1.72 6.01 1.52
C GLN A 14 -2.11 5.19 0.29
N CYS A 15 -2.73 4.03 0.52
CA CYS A 15 -3.15 3.15 -0.55
C CYS A 15 -4.67 3.15 -0.69
N CYS A 16 -5.17 3.85 -1.70
CA CYS A 16 -6.61 3.92 -1.95
C CYS A 16 -7.24 2.54 -1.88
N ASP A 17 -6.92 1.71 -2.87
CA ASP A 17 -7.46 0.34 -2.92
C ASP A 17 -6.34 -0.69 -2.88
N PRO A 18 -6.69 -1.93 -2.53
CA PRO A 18 -8.07 -2.30 -2.20
C PRO A 18 -8.53 -1.68 -0.88
N TRP A 19 -7.71 -1.83 0.15
CA TRP A 19 -8.04 -1.30 1.47
C TRP A 19 -6.89 -0.44 2.01
N LEU A 20 -6.01 -1.08 2.77
CA LEU A 20 -4.86 -0.38 3.35
C LEU A 20 -3.56 -1.08 2.99
N CYS A 21 -2.45 -0.36 3.13
CA CYS A 21 -1.14 -0.90 2.81
C CYS A 21 -0.49 -1.52 4.06
N THR A 22 -0.51 -2.85 4.12
CA THR A 22 0.07 -3.56 5.25
C THR A 22 0.86 -4.79 4.79
N PRO A 23 2.09 -4.93 5.30
CA PRO A 23 2.68 -3.97 6.24
C PRO A 23 3.00 -2.63 5.59
N PRO A 24 3.35 -1.64 6.41
CA PRO A 24 3.70 -0.30 5.94
C PRO A 24 5.01 -0.28 5.17
N ILE A 25 6.12 -0.16 5.90
CA ILE A 25 7.44 -0.12 5.29
C ILE A 25 7.71 -1.39 4.49
N ILE A 26 7.69 -1.26 3.16
CA ILE A 26 7.94 -2.40 2.29
C ILE A 26 6.81 -3.42 2.38
N GLY A 27 5.74 -3.19 1.64
CA GLY A 27 4.61 -4.10 1.65
C GLY A 27 3.61 -3.79 0.55
N PHE A 28 2.52 -4.56 0.51
CA PHE A 28 1.49 -4.37 -0.50
C PHE A 28 0.11 -4.30 0.15
N CYS A 29 -0.71 -3.36 -0.32
CA CYS A 29 -2.05 -3.18 0.20
C CYS A 29 -3.00 -4.23 -0.35
N LEU A 30 -3.72 -4.91 0.54
CA LEU A 30 -4.67 -5.94 0.14
C LEU A 30 -5.96 -5.85 0.96
N CYS A 1 -2.96 6.49 -7.10
CA CYS A 1 -3.18 6.03 -5.73
C CYS A 1 -2.68 4.60 -5.54
N ILE A 2 -1.45 4.35 -5.97
CA ILE A 2 -0.86 3.02 -5.86
C ILE A 2 -1.62 2.00 -6.70
N ALA A 3 -0.89 1.24 -7.51
CA ALA A 3 -1.50 0.23 -8.36
C ALA A 3 -2.23 -0.82 -7.53
N HIS A 4 -3.15 -1.54 -8.17
CA HIS A 4 -3.92 -2.58 -7.49
C HIS A 4 -2.99 -3.60 -6.83
N TYR A 5 -3.10 -3.73 -5.51
CA TYR A 5 -2.27 -4.66 -4.76
C TYR A 5 -0.79 -4.46 -5.09
N GLY A 6 -0.41 -3.21 -5.33
CA GLY A 6 0.97 -2.90 -5.64
C GLY A 6 1.73 -2.35 -4.45
N LYS A 7 3.04 -2.55 -4.45
CA LYS A 7 3.89 -2.08 -3.35
C LYS A 7 3.71 -0.59 -3.14
N CYS A 8 3.95 -0.13 -1.92
CA CYS A 8 3.82 1.29 -1.59
C CYS A 8 5.18 1.89 -1.23
N ASP A 9 5.22 3.21 -1.10
CA ASP A 9 6.45 3.91 -0.77
C ASP A 9 7.00 3.42 0.57
N GLY A 10 6.16 2.76 1.34
CA GLY A 10 6.59 2.24 2.64
C GLY A 10 6.00 3.03 3.78
N ILE A 11 6.70 4.07 4.21
CA ILE A 11 6.25 4.91 5.32
C ILE A 11 4.89 5.53 5.01
N ILE A 12 4.54 5.57 3.73
CA ILE A 12 3.27 6.13 3.31
C ILE A 12 2.25 5.03 3.00
N ASN A 13 1.32 4.82 3.92
CA ASN A 13 0.30 3.80 3.75
C ASN A 13 -0.92 4.37 3.03
N GLN A 14 -0.69 5.34 2.17
CA GLN A 14 -1.77 5.98 1.41
C GLN A 14 -2.14 5.14 0.19
N CYS A 15 -2.76 3.98 0.45
CA CYS A 15 -3.17 3.08 -0.62
C CYS A 15 -4.69 3.05 -0.74
N CYS A 16 -5.21 3.72 -1.76
CA CYS A 16 -6.65 3.76 -1.99
C CYS A 16 -7.26 2.37 -1.89
N ASP A 17 -7.00 1.55 -2.90
CA ASP A 17 -7.52 0.18 -2.94
C ASP A 17 -6.38 -0.83 -2.86
N PRO A 18 -6.73 -2.08 -2.49
CA PRO A 18 -8.11 -2.45 -2.16
C PRO A 18 -8.59 -1.82 -0.86
N TRP A 19 -7.78 -1.93 0.18
CA TRP A 19 -8.12 -1.38 1.48
C TRP A 19 -6.98 -0.52 2.02
N LEU A 20 -6.10 -1.13 2.81
CA LEU A 20 -4.97 -0.43 3.39
C LEU A 20 -3.65 -1.09 3.01
N CYS A 21 -2.55 -0.36 3.16
CA CYS A 21 -1.23 -0.88 2.82
C CYS A 21 -0.57 -1.48 4.07
N THR A 22 -0.53 -2.81 4.12
CA THR A 22 0.07 -3.51 5.26
C THR A 22 0.85 -4.73 4.78
N PRO A 23 2.09 -4.86 5.29
CA PRO A 23 2.67 -3.91 6.23
C PRO A 23 2.98 -2.57 5.58
N PRO A 24 3.35 -1.57 6.41
CA PRO A 24 3.68 -0.23 5.94
C PRO A 24 4.99 -0.19 5.17
N ILE A 25 6.09 -0.06 5.89
CA ILE A 25 7.41 -0.01 5.28
C ILE A 25 7.69 -1.28 4.48
N ILE A 26 7.69 -1.15 3.16
CA ILE A 26 7.93 -2.28 2.28
C ILE A 26 6.83 -3.32 2.38
N GLY A 27 5.71 -3.06 1.72
CA GLY A 27 4.59 -3.97 1.75
C GLY A 27 3.59 -3.71 0.64
N PHE A 28 2.52 -4.49 0.61
CA PHE A 28 1.48 -4.34 -0.41
C PHE A 28 0.10 -4.28 0.22
N CYS A 29 -0.73 -3.38 -0.28
CA CYS A 29 -2.08 -3.21 0.24
C CYS A 29 -3.00 -4.31 -0.30
N LEU A 30 -3.72 -4.97 0.60
CA LEU A 30 -4.64 -6.04 0.21
C LEU A 30 -5.93 -5.96 1.03
N CYS A 1 -3.24 6.47 -7.22
CA CYS A 1 -3.33 6.07 -5.81
C CYS A 1 -2.81 4.65 -5.62
N ILE A 2 -1.59 4.41 -6.07
CA ILE A 2 -0.97 3.09 -5.94
C ILE A 2 -1.74 2.05 -6.76
N ALA A 3 -1.01 1.28 -7.55
CA ALA A 3 -1.62 0.24 -8.38
C ALA A 3 -2.33 -0.80 -7.52
N HIS A 4 -3.25 -1.54 -8.13
CA HIS A 4 -4.00 -2.57 -7.42
C HIS A 4 -3.06 -3.59 -6.80
N TYR A 5 -3.13 -3.72 -5.48
CA TYR A 5 -2.27 -4.67 -4.76
C TYR A 5 -0.80 -4.44 -5.09
N GLY A 6 -0.43 -3.18 -5.29
CA GLY A 6 0.94 -2.85 -5.61
C GLY A 6 1.71 -2.35 -4.40
N LYS A 7 3.04 -2.46 -4.46
CA LYS A 7 3.88 -2.02 -3.36
C LYS A 7 3.73 -0.52 -3.13
N CYS A 8 3.98 -0.09 -1.90
CA CYS A 8 3.87 1.31 -1.54
C CYS A 8 5.23 1.90 -1.17
N ASP A 9 5.30 3.21 -1.03
CA ASP A 9 6.54 3.89 -0.68
C ASP A 9 7.07 3.39 0.66
N GLY A 10 6.21 2.72 1.42
CA GLY A 10 6.61 2.20 2.71
C GLY A 10 6.01 2.99 3.86
N ILE A 11 6.72 4.02 4.31
CA ILE A 11 6.26 4.85 5.40
C ILE A 11 4.91 5.47 5.10
N ILE A 12 4.58 5.54 3.80
CA ILE A 12 3.31 6.11 3.37
C ILE A 12 2.30 5.02 3.07
N ASN A 13 1.35 4.81 3.98
CA ASN A 13 0.32 3.79 3.80
C ASN A 13 -0.89 4.37 3.09
N GLN A 14 -0.65 5.35 2.23
CA GLN A 14 -1.73 5.99 1.48
C GLN A 14 -2.12 5.16 0.26
N CYS A 15 -2.73 4.00 0.51
CA CYS A 15 -3.14 3.11 -0.58
C CYS A 15 -4.66 3.08 -0.70
N CYS A 16 -5.19 3.77 -1.70
CA CYS A 16 -6.62 3.81 -1.93
C CYS A 16 -7.24 2.42 -1.87
N ASP A 17 -6.95 1.61 -2.89
CA ASP A 17 -7.46 0.24 -2.95
C ASP A 17 -6.32 -0.77 -2.89
N PRO A 18 -6.66 -2.02 -2.54
CA PRO A 18 -8.04 -2.41 -2.23
C PRO A 18 -8.54 -1.81 -0.92
N TRP A 19 -7.72 -1.93 0.12
CA TRP A 19 -8.08 -1.40 1.44
C TRP A 19 -6.95 -0.53 1.99
N LEU A 20 -6.07 -1.15 2.76
CA LEU A 20 -4.94 -0.43 3.37
C LEU A 20 -3.61 -1.09 3.00
N CYS A 21 -2.53 -0.36 3.15
CA CYS A 21 -1.20 -0.87 2.85
C CYS A 21 -0.54 -1.47 4.08
N THR A 22 -0.50 -2.79 4.14
CA THR A 22 0.09 -3.49 5.28
C THR A 22 0.86 -4.72 4.82
N PRO A 23 2.10 -4.87 5.33
CA PRO A 23 2.69 -3.93 6.28
C PRO A 23 3.02 -2.59 5.62
N PRO A 24 3.39 -1.60 6.45
CA PRO A 24 3.74 -0.25 5.97
C PRO A 24 5.06 -0.25 5.20
N ILE A 25 6.16 -0.08 5.93
CA ILE A 25 7.48 -0.05 5.32
C ILE A 25 7.74 -1.31 4.50
N ILE A 26 7.73 -1.16 3.19
CA ILE A 26 7.97 -2.28 2.29
C ILE A 26 6.85 -3.32 2.39
N GLY A 27 5.76 -3.07 1.68
CA GLY A 27 4.63 -3.99 1.71
C GLY A 27 3.63 -3.72 0.61
N PHE A 28 2.56 -4.50 0.58
CA PHE A 28 1.52 -4.34 -0.43
C PHE A 28 0.14 -4.26 0.21
N CYS A 29 -0.69 -3.35 -0.28
CA CYS A 29 -2.04 -3.18 0.24
C CYS A 29 -2.97 -4.26 -0.30
N LEU A 30 -3.70 -4.92 0.61
CA LEU A 30 -4.63 -5.97 0.23
C LEU A 30 -5.92 -5.88 1.03
N CYS A 1 -2.76 6.75 -6.97
CA CYS A 1 -2.61 6.41 -5.57
C CYS A 1 -2.27 4.93 -5.39
N ILE A 2 -1.11 4.54 -5.90
CA ILE A 2 -0.66 3.16 -5.79
C ILE A 2 -1.58 2.23 -6.58
N ALA A 3 -0.98 1.38 -7.41
CA ALA A 3 -1.75 0.43 -8.20
C ALA A 3 -2.36 -0.65 -7.33
N HIS A 4 -3.39 -1.33 -7.84
CA HIS A 4 -4.07 -2.38 -7.11
C HIS A 4 -3.07 -3.43 -6.63
N TYR A 5 -3.02 -3.63 -5.32
CA TYR A 5 -2.09 -4.60 -4.73
C TYR A 5 -0.66 -4.33 -5.16
N GLY A 6 -0.34 -3.05 -5.35
CA GLY A 6 0.99 -2.68 -5.76
C GLY A 6 1.84 -2.17 -4.60
N LYS A 7 3.16 -2.34 -4.71
CA LYS A 7 4.07 -1.91 -3.67
C LYS A 7 3.81 -0.45 -3.30
N CYS A 8 4.11 -0.09 -2.05
CA CYS A 8 3.93 1.26 -1.58
C CYS A 8 5.25 1.90 -1.18
N ASP A 9 5.25 3.22 -1.02
CA ASP A 9 6.46 3.94 -0.65
C ASP A 9 7.00 3.45 0.70
N GLY A 10 6.15 2.74 1.44
CA GLY A 10 6.56 2.22 2.74
C GLY A 10 5.89 2.95 3.88
N ILE A 11 6.53 4.00 4.38
CA ILE A 11 5.99 4.78 5.49
C ILE A 11 4.65 5.41 5.11
N ILE A 12 4.38 5.48 3.81
CA ILE A 12 3.14 6.06 3.31
C ILE A 12 2.12 4.98 2.98
N ASN A 13 1.14 4.80 3.86
CA ASN A 13 0.10 3.80 3.65
C ASN A 13 -1.06 4.37 2.84
N GLN A 14 -0.74 5.30 1.95
CA GLN A 14 -1.76 5.93 1.11
C GLN A 14 -2.12 5.03 -0.07
N CYS A 15 -2.78 3.92 0.21
CA CYS A 15 -3.18 2.98 -0.83
C CYS A 15 -4.69 2.99 -1.02
N CYS A 16 -5.15 3.61 -2.09
CA CYS A 16 -6.58 3.70 -2.38
C CYS A 16 -7.24 2.34 -2.20
N ASP A 17 -6.86 1.38 -3.04
CA ASP A 17 -7.40 0.03 -2.97
C ASP A 17 -6.30 -1.01 -2.85
N PRO A 18 -6.67 -2.22 -2.41
CA PRO A 18 -8.06 -2.55 -2.07
C PRO A 18 -8.53 -1.84 -0.80
N TRP A 19 -7.72 -1.92 0.25
CA TRP A 19 -8.05 -1.29 1.52
C TRP A 19 -6.88 -0.46 2.03
N LEU A 20 -6.04 -1.07 2.86
CA LEU A 20 -4.88 -0.39 3.42
C LEU A 20 -3.59 -1.08 3.01
N CYS A 21 -2.47 -0.38 3.15
CA CYS A 21 -1.16 -0.93 2.80
C CYS A 21 -0.48 -1.53 4.03
N THR A 22 -0.47 -2.85 4.11
CA THR A 22 0.15 -3.55 5.22
C THR A 22 0.94 -4.77 4.75
N PRO A 23 2.17 -4.91 5.26
CA PRO A 23 2.74 -3.97 6.22
C PRO A 23 3.06 -2.62 5.59
N PRO A 24 3.42 -1.64 6.44
CA PRO A 24 3.76 -0.29 5.98
C PRO A 24 5.08 -0.25 5.21
N ILE A 25 6.18 -0.10 5.94
CA ILE A 25 7.50 -0.05 5.31
C ILE A 25 7.79 -1.32 4.52
N ILE A 26 7.74 -1.19 3.20
CA ILE A 26 8.01 -2.33 2.32
C ILE A 26 6.90 -3.38 2.44
N GLY A 27 5.81 -3.16 1.69
CA GLY A 27 4.69 -4.10 1.73
C GLY A 27 3.70 -3.85 0.62
N PHE A 28 2.62 -4.62 0.62
CA PHE A 28 1.59 -4.49 -0.41
C PHE A 28 0.20 -4.40 0.23
N CYS A 29 -0.63 -3.49 -0.28
CA CYS A 29 -1.97 -3.31 0.24
C CYS A 29 -2.90 -4.41 -0.27
N LEU A 30 -3.61 -5.05 0.65
CA LEU A 30 -4.55 -6.12 0.30
C LEU A 30 -5.82 -6.03 1.13
N CYS A 1 -2.95 6.58 -6.92
CA CYS A 1 -2.71 6.29 -5.51
C CYS A 1 -2.34 4.81 -5.33
N ILE A 2 -1.16 4.44 -5.79
CA ILE A 2 -0.69 3.06 -5.68
C ILE A 2 -1.56 2.12 -6.49
N ALA A 3 -0.92 1.28 -7.30
CA ALA A 3 -1.63 0.32 -8.12
C ALA A 3 -2.32 -0.73 -7.27
N HIS A 4 -3.31 -1.40 -7.85
CA HIS A 4 -4.06 -2.44 -7.14
C HIS A 4 -3.12 -3.52 -6.61
N TYR A 5 -3.12 -3.72 -5.31
CA TYR A 5 -2.27 -4.71 -4.67
C TYR A 5 -0.80 -4.47 -5.02
N GLY A 6 -0.46 -3.22 -5.25
CA GLY A 6 0.92 -2.88 -5.60
C GLY A 6 1.70 -2.34 -4.42
N LYS A 7 3.00 -2.58 -4.41
CA LYS A 7 3.86 -2.11 -3.33
C LYS A 7 3.72 -0.60 -3.13
N CYS A 8 3.96 -0.15 -1.90
CA CYS A 8 3.85 1.26 -1.58
C CYS A 8 5.21 1.85 -1.21
N ASP A 9 5.27 3.16 -1.08
CA ASP A 9 6.52 3.83 -0.74
C ASP A 9 7.04 3.36 0.62
N GLY A 10 6.17 2.71 1.38
CA GLY A 10 6.56 2.21 2.68
C GLY A 10 5.96 3.00 3.82
N ILE A 11 6.66 4.05 4.25
CA ILE A 11 6.19 4.89 5.34
C ILE A 11 4.83 5.51 4.99
N ILE A 12 4.50 5.54 3.71
CA ILE A 12 3.24 6.11 3.25
C ILE A 12 2.22 5.01 2.96
N ASN A 13 1.27 4.83 3.88
CA ASN A 13 0.23 3.81 3.71
C ASN A 13 -0.97 4.37 2.95
N GLN A 14 -0.70 5.31 2.06
CA GLN A 14 -1.76 5.93 1.27
C GLN A 14 -2.13 5.06 0.07
N CYS A 15 -2.75 3.92 0.36
CA CYS A 15 -3.16 2.98 -0.69
C CYS A 15 -4.67 2.95 -0.83
N CYS A 16 -5.19 3.58 -1.87
CA CYS A 16 -6.62 3.64 -2.13
C CYS A 16 -7.24 2.25 -1.98
N ASP A 17 -6.97 1.38 -2.96
CA ASP A 17 -7.50 0.02 -2.94
C ASP A 17 -6.37 -1.00 -2.85
N PRO A 18 -6.72 -2.23 -2.45
CA PRO A 18 -8.10 -2.59 -2.10
C PRO A 18 -8.56 -1.93 -0.81
N TRP A 19 -7.75 -2.02 0.23
CA TRP A 19 -8.08 -1.42 1.51
C TRP A 19 -6.94 -0.55 2.02
N LEU A 20 -6.06 -1.14 2.82
CA LEU A 20 -4.92 -0.42 3.38
C LEU A 20 -3.61 -1.11 3.02
N CYS A 21 -2.51 -0.39 3.14
CA CYS A 21 -1.19 -0.93 2.84
C CYS A 21 -0.52 -1.49 4.08
N THR A 22 -0.51 -2.81 4.19
CA THR A 22 0.09 -3.48 5.34
C THR A 22 0.87 -4.72 4.92
N PRO A 23 2.09 -4.86 5.43
CA PRO A 23 2.68 -3.88 6.35
C PRO A 23 3.01 -2.55 5.66
N PRO A 24 3.37 -1.54 6.47
CA PRO A 24 3.71 -0.21 5.96
C PRO A 24 5.03 -0.21 5.20
N ILE A 25 6.13 -0.02 5.92
CA ILE A 25 7.46 0.00 5.31
C ILE A 25 7.72 -1.27 4.51
N ILE A 26 7.70 -1.14 3.19
CA ILE A 26 7.94 -2.28 2.31
C ILE A 26 6.83 -3.32 2.44
N GLY A 27 5.72 -3.10 1.72
CA GLY A 27 4.61 -4.01 1.78
C GLY A 27 3.60 -3.77 0.67
N PHE A 28 2.53 -4.56 0.66
CA PHE A 28 1.49 -4.42 -0.36
C PHE A 28 0.10 -4.36 0.29
N CYS A 29 -0.73 -3.47 -0.21
CA CYS A 29 -2.09 -3.30 0.31
C CYS A 29 -3.00 -4.40 -0.21
N LEU A 30 -3.71 -5.06 0.71
CA LEU A 30 -4.62 -6.14 0.34
C LEU A 30 -5.92 -6.04 1.14
N CYS A 1 -3.05 6.47 -7.21
CA CYS A 1 -3.20 6.07 -5.81
C CYS A 1 -2.73 4.63 -5.61
N ILE A 2 -1.53 4.33 -6.09
CA ILE A 2 -0.96 2.99 -5.97
C ILE A 2 -1.80 1.96 -6.72
N ALA A 3 -1.13 1.15 -7.54
CA ALA A 3 -1.81 0.12 -8.31
C ALA A 3 -2.37 -0.97 -7.41
N HIS A 4 -3.37 -1.70 -7.91
CA HIS A 4 -4.00 -2.76 -7.14
C HIS A 4 -2.95 -3.74 -6.63
N TYR A 5 -2.89 -3.90 -5.31
CA TYR A 5 -1.92 -4.81 -4.69
C TYR A 5 -0.51 -4.46 -5.12
N GLY A 6 -0.23 -3.18 -5.29
CA GLY A 6 1.09 -2.73 -5.70
C GLY A 6 1.91 -2.23 -4.53
N LYS A 7 3.23 -2.38 -4.63
CA LYS A 7 4.13 -1.92 -3.59
C LYS A 7 3.85 -0.47 -3.22
N CYS A 8 4.17 -0.11 -1.97
CA CYS A 8 3.95 1.25 -1.50
C CYS A 8 5.27 1.91 -1.12
N ASP A 9 5.24 3.23 -0.97
CA ASP A 9 6.44 3.99 -0.61
C ASP A 9 7.00 3.50 0.73
N GLY A 10 6.18 2.78 1.48
CA GLY A 10 6.61 2.27 2.78
C GLY A 10 6.01 3.04 3.93
N ILE A 11 6.71 4.09 4.38
CA ILE A 11 6.23 4.91 5.49
C ILE A 11 4.88 5.53 5.17
N ILE A 12 4.54 5.58 3.88
CA ILE A 12 3.27 6.15 3.43
C ILE A 12 2.27 5.06 3.09
N ASN A 13 1.31 4.83 4.00
CA ASN A 13 0.30 3.82 3.79
C ASN A 13 -0.91 4.39 3.06
N GLN A 14 -0.67 5.39 2.21
CA GLN A 14 -1.74 6.03 1.46
C GLN A 14 -2.11 5.20 0.23
N CYS A 15 -2.73 4.04 0.47
CA CYS A 15 -3.14 3.16 -0.62
C CYS A 15 -4.66 3.14 -0.76
N CYS A 16 -5.16 3.84 -1.77
CA CYS A 16 -6.60 3.90 -2.01
C CYS A 16 -7.23 2.51 -1.95
N ASP A 17 -6.92 1.68 -2.95
CA ASP A 17 -7.45 0.33 -3.01
C ASP A 17 -6.32 -0.69 -2.96
N PRO A 18 -6.67 -1.95 -2.61
CA PRO A 18 -8.06 -2.33 -2.30
C PRO A 18 -8.54 -1.72 -0.99
N TRP A 19 -7.73 -1.86 0.05
CA TRP A 19 -8.08 -1.33 1.36
C TRP A 19 -6.94 -0.48 1.93
N LEU A 20 -6.07 -1.11 2.71
CA LEU A 20 -4.94 -0.41 3.31
C LEU A 20 -3.62 -1.10 2.94
N CYS A 21 -2.53 -0.38 3.10
CA CYS A 21 -1.20 -0.91 2.79
C CYS A 21 -0.55 -1.51 4.03
N THR A 22 -0.53 -2.85 4.08
CA THR A 22 0.05 -3.56 5.21
C THR A 22 0.84 -4.77 4.74
N PRO A 23 2.07 -4.91 5.26
CA PRO A 23 2.65 -3.96 6.22
C PRO A 23 2.96 -2.61 5.58
N PRO A 24 3.30 -1.63 6.42
CA PRO A 24 3.64 -0.28 5.96
C PRO A 24 4.96 -0.23 5.20
N ILE A 25 6.06 -0.14 5.95
CA ILE A 25 7.38 -0.09 5.34
C ILE A 25 7.67 -1.35 4.53
N ILE A 26 7.65 -1.21 3.21
CA ILE A 26 7.91 -2.34 2.32
C ILE A 26 6.79 -3.37 2.40
N GLY A 27 5.72 -3.13 1.65
CA GLY A 27 4.60 -4.05 1.65
C GLY A 27 3.60 -3.76 0.55
N PHE A 28 2.52 -4.53 0.51
CA PHE A 28 1.49 -4.34 -0.51
C PHE A 28 0.11 -4.27 0.13
N CYS A 29 -0.72 -3.35 -0.35
CA CYS A 29 -2.07 -3.18 0.17
C CYS A 29 -3.01 -4.24 -0.39
N LEU A 30 -3.74 -4.90 0.50
CA LEU A 30 -4.67 -5.95 0.09
C LEU A 30 -5.96 -5.85 0.91
N CYS A 1 -2.92 6.71 -6.86
CA CYS A 1 -2.72 6.36 -5.44
C CYS A 1 -2.36 4.89 -5.30
N ILE A 2 -1.19 4.51 -5.79
CA ILE A 2 -0.74 3.13 -5.70
C ILE A 2 -1.63 2.20 -6.51
N ALA A 3 -1.02 1.38 -7.34
CA ALA A 3 -1.77 0.43 -8.18
C ALA A 3 -2.38 -0.68 -7.33
N HIS A 4 -3.40 -1.34 -7.88
CA HIS A 4 -4.07 -2.42 -7.18
C HIS A 4 -3.06 -3.45 -6.67
N TYR A 5 -3.04 -3.65 -5.35
CA TYR A 5 -2.13 -4.60 -4.74
C TYR A 5 -0.68 -4.33 -5.17
N GLY A 6 -0.36 -3.05 -5.36
CA GLY A 6 0.98 -2.67 -5.77
C GLY A 6 1.81 -2.17 -4.61
N LYS A 7 3.13 -2.34 -4.71
CA LYS A 7 4.05 -1.90 -3.67
C LYS A 7 3.80 -0.44 -3.30
N CYS A 8 4.12 -0.08 -2.06
CA CYS A 8 3.94 1.29 -1.59
C CYS A 8 5.27 1.92 -1.24
N ASP A 9 5.29 3.24 -1.11
CA ASP A 9 6.50 3.98 -0.78
C ASP A 9 7.05 3.52 0.58
N GLY A 10 6.22 2.84 1.34
CA GLY A 10 6.64 2.35 2.65
C GLY A 10 6.00 3.12 3.79
N ILE A 11 6.66 4.18 4.24
CA ILE A 11 6.14 5.00 5.33
C ILE A 11 4.77 5.58 4.98
N ILE A 12 4.47 5.62 3.68
CA ILE A 12 3.19 6.16 3.22
C ILE A 12 2.21 5.03 2.91
N ASN A 13 1.26 4.83 3.82
CA ASN A 13 0.25 3.78 3.65
C ASN A 13 -0.97 4.33 2.91
N GLN A 14 -0.74 5.29 2.03
CA GLN A 14 -1.83 5.89 1.25
C GLN A 14 -2.18 5.03 0.05
N CYS A 15 -2.78 3.88 0.32
CA CYS A 15 -3.18 2.96 -0.74
C CYS A 15 -4.69 2.91 -0.89
N CYS A 16 -5.20 3.56 -1.93
CA CYS A 16 -6.64 3.60 -2.19
C CYS A 16 -7.25 2.21 -2.05
N ASP A 17 -7.00 1.35 -3.03
CA ASP A 17 -7.53 -0.01 -3.02
C ASP A 17 -6.40 -1.03 -2.92
N PRO A 18 -6.73 -2.25 -2.50
CA PRO A 18 -8.11 -2.62 -2.17
C PRO A 18 -8.59 -1.95 -0.88
N TRP A 19 -7.76 -2.03 0.17
CA TRP A 19 -8.10 -1.44 1.45
C TRP A 19 -6.96 -0.57 1.96
N LEU A 20 -6.08 -1.16 2.76
CA LEU A 20 -4.94 -0.44 3.32
C LEU A 20 -3.63 -1.13 2.96
N CYS A 21 -2.52 -0.40 3.08
CA CYS A 21 -1.20 -0.95 2.77
C CYS A 21 -0.54 -1.51 4.02
N THR A 22 -0.52 -2.84 4.13
CA THR A 22 0.08 -3.51 5.28
C THR A 22 0.87 -4.73 4.85
N PRO A 23 2.10 -4.85 5.37
CA PRO A 23 2.68 -3.87 6.29
C PRO A 23 2.98 -2.54 5.61
N PRO A 24 3.33 -1.52 6.42
CA PRO A 24 3.66 -0.19 5.91
C PRO A 24 4.98 -0.16 5.15
N ILE A 25 6.07 -0.02 5.87
CA ILE A 25 7.40 0.01 5.26
C ILE A 25 7.68 -1.26 4.49
N ILE A 26 7.64 -1.18 3.17
CA ILE A 26 7.90 -2.32 2.31
C ILE A 26 6.79 -3.36 2.44
N GLY A 27 5.72 -3.17 1.67
CA GLY A 27 4.61 -4.11 1.71
C GLY A 27 3.59 -3.85 0.60
N PHE A 28 2.52 -4.63 0.58
CA PHE A 28 1.48 -4.48 -0.43
C PHE A 28 0.11 -4.41 0.22
N CYS A 29 -0.73 -3.50 -0.28
CA CYS A 29 -2.08 -3.33 0.24
C CYS A 29 -3.01 -4.42 -0.27
N LEU A 30 -3.71 -5.08 0.65
CA LEU A 30 -4.64 -6.14 0.28
C LEU A 30 -5.93 -6.05 1.10
N CYS A 1 -3.02 6.78 -7.23
CA CYS A 1 -2.87 6.45 -5.81
C CYS A 1 -2.51 4.97 -5.64
N ILE A 2 -1.34 4.60 -6.15
CA ILE A 2 -0.88 3.21 -6.05
C ILE A 2 -1.81 2.27 -6.81
N ALA A 3 -1.21 1.43 -7.65
CA ALA A 3 -1.99 0.46 -8.43
C ALA A 3 -2.53 -0.66 -7.55
N HIS A 4 -3.55 -1.35 -8.05
CA HIS A 4 -4.17 -2.44 -7.30
C HIS A 4 -3.11 -3.42 -6.81
N TYR A 5 -3.04 -3.60 -5.50
CA TYR A 5 -2.08 -4.51 -4.90
C TYR A 5 -0.66 -4.16 -5.34
N GLY A 6 -0.40 -2.88 -5.51
CA GLY A 6 0.93 -2.44 -5.93
C GLY A 6 1.77 -1.96 -4.76
N LYS A 7 3.09 -2.11 -4.90
CA LYS A 7 4.02 -1.69 -3.85
C LYS A 7 3.86 -0.20 -3.56
N CYS A 8 4.11 0.17 -2.31
CA CYS A 8 4.00 1.56 -1.88
C CYS A 8 5.34 2.08 -1.35
N ASP A 9 5.41 3.38 -1.10
CA ASP A 9 6.63 3.99 -0.57
C ASP A 9 7.05 3.34 0.74
N GLY A 10 6.10 2.65 1.38
CA GLY A 10 6.39 2.00 2.64
C GLY A 10 5.64 2.61 3.80
N ILE A 11 6.27 3.57 4.47
CA ILE A 11 5.65 4.24 5.61
C ILE A 11 4.35 4.91 5.21
N ILE A 12 4.18 5.15 3.91
CA ILE A 12 2.97 5.79 3.39
C ILE A 12 1.91 4.75 3.06
N ASN A 13 0.90 4.64 3.92
CA ASN A 13 -0.18 3.70 3.71
C ASN A 13 -1.29 4.31 2.84
N GLN A 14 -0.89 5.21 1.94
CA GLN A 14 -1.84 5.87 1.06
C GLN A 14 -2.17 4.98 -0.14
N CYS A 15 -2.84 3.87 0.12
CA CYS A 15 -3.23 2.93 -0.93
C CYS A 15 -4.73 2.92 -1.12
N CYS A 16 -5.19 3.55 -2.20
CA CYS A 16 -6.62 3.62 -2.50
C CYS A 16 -7.28 2.26 -2.28
N ASP A 17 -6.87 1.27 -3.07
CA ASP A 17 -7.42 -0.08 -2.96
C ASP A 17 -6.31 -1.11 -2.87
N PRO A 18 -6.66 -2.31 -2.39
CA PRO A 18 -8.03 -2.63 -1.98
C PRO A 18 -8.44 -1.90 -0.70
N TRP A 19 -7.57 -1.94 0.30
CA TRP A 19 -7.84 -1.28 1.58
C TRP A 19 -6.68 -0.37 1.96
N LEU A 20 -5.75 -0.91 2.76
CA LEU A 20 -4.60 -0.15 3.21
C LEU A 20 -3.30 -0.90 2.91
N CYS A 21 -2.19 -0.17 2.94
CA CYS A 21 -0.88 -0.77 2.66
C CYS A 21 -0.30 -1.39 3.93
N THR A 22 -0.34 -2.71 4.01
CA THR A 22 0.18 -3.42 5.17
C THR A 22 0.97 -4.66 4.75
N PRO A 23 2.16 -4.83 5.32
CA PRO A 23 2.71 -3.89 6.31
C PRO A 23 3.09 -2.56 5.67
N PRO A 24 3.45 -1.58 6.52
CA PRO A 24 3.85 -0.24 6.07
C PRO A 24 5.19 -0.24 5.34
N ILE A 25 6.26 -0.09 6.10
CA ILE A 25 7.61 -0.07 5.54
C ILE A 25 7.84 -1.30 4.67
N ILE A 26 7.78 -1.11 3.35
CA ILE A 26 8.00 -2.20 2.41
C ILE A 26 6.90 -3.26 2.53
N GLY A 27 5.79 -3.04 1.82
CA GLY A 27 4.69 -3.98 1.87
C GLY A 27 3.67 -3.72 0.77
N PHE A 28 2.68 -4.59 0.68
CA PHE A 28 1.63 -4.45 -0.33
C PHE A 28 0.25 -4.34 0.33
N CYS A 29 -0.57 -3.45 -0.22
CA CYS A 29 -1.92 -3.24 0.31
C CYS A 29 -2.86 -4.36 -0.13
N LEU A 30 -3.56 -4.95 0.83
CA LEU A 30 -4.49 -6.03 0.54
C LEU A 30 -5.75 -5.90 1.39
N CYS A 1 -3.12 6.70 -7.40
CA CYS A 1 -2.92 6.42 -5.98
C CYS A 1 -2.55 4.95 -5.77
N ILE A 2 -1.38 4.56 -6.26
CA ILE A 2 -0.92 3.18 -6.12
C ILE A 2 -1.83 2.22 -6.88
N ALA A 3 -1.23 1.36 -7.68
CA ALA A 3 -1.98 0.37 -8.45
C ALA A 3 -2.54 -0.72 -7.55
N HIS A 4 -3.56 -1.42 -8.04
CA HIS A 4 -4.19 -2.49 -7.29
C HIS A 4 -3.14 -3.47 -6.75
N TYR A 5 -3.08 -3.62 -5.44
CA TYR A 5 -2.12 -4.53 -4.82
C TYR A 5 -0.70 -4.20 -5.25
N GLY A 6 -0.43 -2.91 -5.45
CA GLY A 6 0.89 -2.48 -5.86
C GLY A 6 1.75 -2.01 -4.70
N LYS A 7 3.05 -2.18 -4.81
CA LYS A 7 3.98 -1.76 -3.77
C LYS A 7 3.84 -0.27 -3.49
N CYS A 8 4.09 0.11 -2.24
CA CYS A 8 3.99 1.52 -1.84
C CYS A 8 5.34 2.02 -1.31
N ASP A 9 5.42 3.33 -1.07
CA ASP A 9 6.65 3.94 -0.57
C ASP A 9 7.07 3.30 0.75
N GLY A 10 6.12 2.63 1.41
CA GLY A 10 6.41 1.99 2.67
C GLY A 10 5.67 2.63 3.84
N ILE A 11 6.31 3.59 4.48
CA ILE A 11 5.71 4.29 5.61
C ILE A 11 4.41 4.98 5.22
N ILE A 12 4.24 5.18 3.90
CA ILE A 12 3.03 5.82 3.39
C ILE A 12 1.96 4.79 3.06
N ASN A 13 0.96 4.69 3.93
CA ASN A 13 -0.14 3.75 3.72
C ASN A 13 -1.23 4.36 2.85
N GLN A 14 -0.83 5.24 1.94
CA GLN A 14 -1.76 5.90 1.04
C GLN A 14 -2.11 4.99 -0.14
N CYS A 15 -2.79 3.90 0.14
CA CYS A 15 -3.18 2.95 -0.90
C CYS A 15 -4.69 2.95 -1.10
N CYS A 16 -5.14 3.57 -2.19
CA CYS A 16 -6.56 3.64 -2.49
C CYS A 16 -7.24 2.30 -2.26
N ASP A 17 -6.83 1.29 -3.02
CA ASP A 17 -7.40 -0.04 -2.90
C ASP A 17 -6.29 -1.09 -2.79
N PRO A 18 -6.67 -2.28 -2.29
CA PRO A 18 -8.04 -2.58 -1.88
C PRO A 18 -8.44 -1.82 -0.62
N TRP A 19 -7.58 -1.88 0.40
CA TRP A 19 -7.85 -1.19 1.66
C TRP A 19 -6.68 -0.29 2.05
N LEU A 20 -5.76 -0.83 2.84
CA LEU A 20 -4.60 -0.07 3.28
C LEU A 20 -3.32 -0.83 2.99
N CYS A 21 -2.20 -0.12 3.00
CA CYS A 21 -0.89 -0.72 2.75
C CYS A 21 -0.31 -1.33 4.03
N THR A 22 -0.36 -2.65 4.11
CA THR A 22 0.16 -3.35 5.28
C THR A 22 0.93 -4.61 4.87
N PRO A 23 2.13 -4.77 5.45
CA PRO A 23 2.68 -3.83 6.42
C PRO A 23 3.07 -2.49 5.77
N PRO A 24 3.44 -1.51 6.61
CA PRO A 24 3.84 -0.18 6.15
C PRO A 24 5.18 -0.20 5.42
N ILE A 25 6.26 -0.05 6.18
CA ILE A 25 7.61 -0.05 5.61
C ILE A 25 7.83 -1.29 4.76
N ILE A 26 7.76 -1.12 3.45
CA ILE A 26 7.97 -2.23 2.52
C ILE A 26 6.87 -3.27 2.65
N GLY A 27 5.76 -3.05 1.94
CA GLY A 27 4.65 -3.99 1.99
C GLY A 27 3.63 -3.73 0.90
N PHE A 28 2.64 -4.60 0.80
CA PHE A 28 1.60 -4.47 -0.21
C PHE A 28 0.23 -4.34 0.44
N CYS A 29 -0.59 -3.44 -0.10
CA CYS A 29 -1.93 -3.21 0.41
C CYS A 29 -2.88 -4.33 0.00
N LEU A 30 -3.59 -4.90 0.97
CA LEU A 30 -4.53 -5.98 0.70
C LEU A 30 -5.80 -5.82 1.54
N CYS A 1 -2.85 6.71 -6.82
CA CYS A 1 -2.67 6.35 -5.41
C CYS A 1 -2.32 4.88 -5.26
N ILE A 2 -1.15 4.51 -5.79
CA ILE A 2 -0.70 3.12 -5.70
C ILE A 2 -1.62 2.19 -6.49
N ALA A 3 -1.02 1.35 -7.34
CA ALA A 3 -1.78 0.42 -8.14
C ALA A 3 -2.39 -0.69 -7.28
N HIS A 4 -3.41 -1.35 -7.81
CA HIS A 4 -4.08 -2.43 -7.08
C HIS A 4 -3.07 -3.47 -6.60
N TYR A 5 -3.02 -3.67 -5.30
CA TYR A 5 -2.09 -4.64 -4.72
C TYR A 5 -0.66 -4.35 -5.15
N GLY A 6 -0.35 -3.07 -5.34
CA GLY A 6 0.98 -2.68 -5.75
C GLY A 6 1.83 -2.17 -4.60
N LYS A 7 3.14 -2.37 -4.68
CA LYS A 7 4.05 -1.93 -3.64
C LYS A 7 3.81 -0.47 -3.28
N CYS A 8 4.12 -0.11 -2.05
CA CYS A 8 3.94 1.26 -1.58
C CYS A 8 5.28 1.90 -1.21
N ASP A 9 5.29 3.22 -1.10
CA ASP A 9 6.51 3.95 -0.77
C ASP A 9 7.05 3.50 0.59
N GLY A 10 6.21 2.82 1.36
CA GLY A 10 6.63 2.34 2.67
C GLY A 10 5.96 3.10 3.80
N ILE A 11 6.61 4.17 4.26
CA ILE A 11 6.08 4.98 5.34
C ILE A 11 4.72 5.57 4.98
N ILE A 12 4.44 5.61 3.68
CA ILE A 12 3.17 6.15 3.20
C ILE A 12 2.18 5.02 2.89
N ASN A 13 1.22 4.82 3.78
CA ASN A 13 0.21 3.78 3.61
C ASN A 13 -1.00 4.32 2.86
N GLN A 14 -0.77 5.29 1.97
CA GLN A 14 -1.84 5.89 1.20
C GLN A 14 -2.19 5.02 -0.01
N CYS A 15 -2.80 3.87 0.27
CA CYS A 15 -3.19 2.94 -0.79
C CYS A 15 -4.70 2.90 -0.94
N CYS A 16 -5.21 3.54 -1.99
CA CYS A 16 -6.64 3.58 -2.24
C CYS A 16 -7.25 2.18 -2.11
N ASP A 17 -6.97 1.34 -3.09
CA ASP A 17 -7.49 -0.03 -3.09
C ASP A 17 -6.35 -1.04 -3.00
N PRO A 18 -6.70 -2.28 -2.59
CA PRO A 18 -8.07 -2.65 -2.26
C PRO A 18 -8.57 -1.99 -0.98
N TRP A 19 -7.76 -2.08 0.07
CA TRP A 19 -8.11 -1.49 1.36
C TRP A 19 -6.99 -0.62 1.88
N LEU A 20 -6.10 -1.21 2.68
CA LEU A 20 -4.98 -0.48 3.25
C LEU A 20 -3.65 -1.16 2.91
N CYS A 21 -2.56 -0.41 3.04
CA CYS A 21 -1.24 -0.95 2.75
C CYS A 21 -0.59 -1.51 4.01
N THR A 22 -0.55 -2.83 4.11
CA THR A 22 0.04 -3.49 5.26
C THR A 22 0.85 -4.71 4.84
N PRO A 23 2.08 -4.83 5.38
CA PRO A 23 2.63 -3.84 6.30
C PRO A 23 2.94 -2.51 5.62
N PRO A 24 3.27 -1.49 6.42
CA PRO A 24 3.61 -0.16 5.91
C PRO A 24 4.93 -0.13 5.16
N ILE A 25 6.03 -0.02 5.90
CA ILE A 25 7.35 0.01 5.30
C ILE A 25 7.64 -1.28 4.53
N ILE A 26 7.62 -1.18 3.20
CA ILE A 26 7.88 -2.33 2.35
C ILE A 26 6.78 -3.37 2.47
N GLY A 27 5.69 -3.17 1.74
CA GLY A 27 4.58 -4.10 1.78
C GLY A 27 3.59 -3.86 0.66
N PHE A 28 2.51 -4.64 0.64
CA PHE A 28 1.49 -4.51 -0.38
C PHE A 28 0.10 -4.42 0.24
N CYS A 29 -0.73 -3.53 -0.28
CA CYS A 29 -2.09 -3.34 0.23
C CYS A 29 -3.01 -4.45 -0.29
N LEU A 30 -3.74 -5.07 0.63
CA LEU A 30 -4.66 -6.15 0.27
C LEU A 30 -5.95 -6.04 1.07
#